data_6SIV
#
_entry.id   6SIV
#
_cell.length_a   97.031
_cell.length_b   132.467
_cell.length_c   42.634
_cell.angle_alpha   90.000
_cell.angle_beta   90.000
_cell.angle_gamma   90.000
#
_symmetry.space_group_name_H-M   'P 21 21 2'
#
loop_
_entity.id
_entity.type
_entity.pdbx_description
1 polymer 'Maltose/maltodextrin-binding periplasmic protein,Interferon regulatory factor 3'
2 polymer 'Protein E6'
3 branched alpha-D-glucopyranose-(1-4)-alpha-D-glucopyranose-(1-4)-alpha-D-glucopyranose-(1-4)-alpha-D-glucopyranose-(1-4)-alpha-D-glucopyranose
4 non-polymer 'ZINC ION'
5 water water
#
loop_
_entity_poly.entity_id
_entity_poly.type
_entity_poly.pdbx_seq_one_letter_code
_entity_poly.pdbx_strand_id
1 'polypeptide(L)'
;MKIEEGKLVIWINGDKGYNGLAEVGKKFEKDTGIKVTVEHPDKLEEKFPQVAATGDGPDIIFWAHDRFGGYAQSGLLAEI
TPAAAFQDKLYPFTWDAVRYNGKLIAYPIAVEALSLIYNKDLLPNPPKTWEEIPALDKELKAKGKSALMFNLQEPYFTWP
LIAADGGYAFKYENGKYDIKDVGVDNAGAKAGLTFLVDLIKNKHMNADTDYSIAEAAFNKGETAMTINGPWAWSNIDTSA
VNYGVTVLPTFKGQPSKPFVGVLSAGINAASPNKELAKEFLENYLLTDEGLEAVNKDKPLGAVALKSYEEELAKDPRIAA
TMENAQKGEIMPNIPQMSAFWYAVRTAVINAASGRQTVDAALAAAQTNAAAEDILDELLGEER
;
A
2 'polypeptide(L)'
;GAMFQDPQERPRKLPQLCTELQTTIHDIILECVYCKQQLLRREVYDFARRDLCIVYRDGNPYAVCDKCLKFYSKISEYRH
YSYSLYGTTLEQQYNKPLSDLLIRCINCQKPLSPEEKQRHLDKKQRFHNIRGRWTGRCMSCSRSSRTRRETQL
;
B
#
loop_
_chem_comp.id
_chem_comp.type
_chem_comp.name
_chem_comp.formula
GLC D-saccharide, alpha linking alpha-D-glucopyranose 'C6 H12 O6'
ZN non-polymer 'ZINC ION' 'Zn 2'
#
# COMPACT_ATOMS: atom_id res chain seq x y z
N MET A 1 16.98 22.13 -3.09
CA MET A 1 18.15 22.10 -3.96
C MET A 1 18.43 20.65 -4.43
N LYS A 2 19.37 20.51 -5.37
CA LYS A 2 19.82 19.20 -5.81
C LYS A 2 20.43 18.44 -4.63
N ILE A 3 20.39 17.11 -4.72
CA ILE A 3 21.01 16.29 -3.68
C ILE A 3 22.49 16.62 -3.59
N GLU A 4 22.97 16.85 -2.37
N GLU A 4 22.95 16.88 -2.37
CA GLU A 4 24.34 17.33 -2.16
CA GLU A 4 24.33 17.28 -2.13
C GLU A 4 25.33 16.16 -2.24
C GLU A 4 25.27 16.09 -2.33
N GLU A 5 26.33 16.30 -3.11
CA GLU A 5 27.36 15.30 -3.23
C GLU A 5 28.28 15.33 -2.00
N GLY A 6 28.65 14.15 -1.51
CA GLY A 6 29.59 14.05 -0.42
C GLY A 6 29.00 14.09 0.97
N LYS A 7 27.70 13.85 1.10
CA LYS A 7 27.08 13.65 2.40
C LYS A 7 25.87 12.76 2.17
N LEU A 8 25.21 12.38 3.26
CA LEU A 8 24.01 11.55 3.18
C LEU A 8 22.87 12.24 3.91
N VAL A 9 21.73 12.34 3.24
CA VAL A 9 20.48 12.78 3.85
C VAL A 9 19.54 11.59 3.89
N ILE A 10 18.98 11.32 5.07
CA ILE A 10 18.13 10.16 5.30
C ILE A 10 16.76 10.64 5.73
N TRP A 11 15.71 10.04 5.17
CA TRP A 11 14.35 10.24 5.63
C TRP A 11 13.87 8.98 6.34
N ILE A 12 13.27 9.15 7.53
CA ILE A 12 12.71 8.04 8.30
C ILE A 12 11.50 8.57 9.06
N ASN A 13 10.51 7.70 9.30
CA ASN A 13 9.25 8.16 9.89
C ASN A 13 9.43 8.55 11.37
N GLY A 14 8.61 9.50 11.80
CA GLY A 14 8.70 10.08 13.13
C GLY A 14 8.36 9.13 14.28
N ASP A 15 7.84 7.94 14.01
CA ASP A 15 7.61 7.00 15.10
C ASP A 15 8.77 6.01 15.27
N LYS A 16 9.84 6.15 14.49
CA LYS A 16 10.97 5.23 14.55
C LYS A 16 12.13 5.88 15.31
N GLY A 17 13.19 5.10 15.53
CA GLY A 17 14.29 5.58 16.33
C GLY A 17 15.24 6.50 15.59
N TYR A 18 14.77 7.69 15.19
CA TYR A 18 15.60 8.53 14.35
C TYR A 18 16.79 9.13 15.10
N ASN A 19 16.71 9.27 16.43
CA ASN A 19 17.88 9.78 17.15
C ASN A 19 18.95 8.70 17.24
N GLY A 20 18.53 7.45 17.45
CA GLY A 20 19.45 6.35 17.37
C GLY A 20 20.10 6.23 16.00
N LEU A 21 19.30 6.40 14.93
CA LEU A 21 19.89 6.35 13.60
C LEU A 21 20.90 7.46 13.41
N ALA A 22 20.60 8.66 13.91
CA ALA A 22 21.55 9.76 13.82
C ALA A 22 22.86 9.43 14.54
N GLU A 23 22.79 8.62 15.62
CA GLU A 23 24.00 8.18 16.28
C GLU A 23 24.84 7.28 15.38
N VAL A 24 24.20 6.39 14.62
CA VAL A 24 24.93 5.61 13.62
C VAL A 24 25.56 6.55 12.59
N GLY A 25 24.82 7.59 12.20
CA GLY A 25 25.34 8.57 11.27
C GLY A 25 26.55 9.31 11.83
N LYS A 26 26.56 9.56 13.14
CA LYS A 26 27.73 10.24 13.73
C LYS A 26 28.95 9.33 13.71
N LYS A 27 28.76 8.03 13.96
CA LYS A 27 29.84 7.06 13.84
C LYS A 27 30.39 7.04 12.42
N PHE A 28 29.51 7.02 11.43
CA PHE A 28 29.95 7.08 10.03
C PHE A 28 30.80 8.32 9.78
N GLU A 29 30.33 9.48 10.25
CA GLU A 29 31.07 10.72 10.06
C GLU A 29 32.42 10.67 10.77
N LYS A 30 32.46 10.12 11.99
CA LYS A 30 33.73 10.00 12.73
C LYS A 30 34.74 9.15 11.97
N ASP A 31 34.29 8.06 11.35
CA ASP A 31 35.19 7.14 10.65
C ASP A 31 35.55 7.62 9.24
N THR A 32 34.61 8.24 8.52
CA THR A 32 34.80 8.53 7.10
C THR A 32 34.90 10.01 6.76
N GLY A 33 34.47 10.89 7.67
CA GLY A 33 34.35 12.30 7.37
C GLY A 33 33.06 12.70 6.69
N ILE A 34 32.17 11.75 6.37
CA ILE A 34 30.95 12.02 5.62
C ILE A 34 29.82 12.31 6.61
N LYS A 35 29.26 13.51 6.52
CA LYS A 35 28.18 13.89 7.43
C LYS A 35 26.89 13.19 7.04
N VAL A 36 26.13 12.76 8.05
CA VAL A 36 24.86 12.08 7.85
C VAL A 36 23.79 12.92 8.53
N THR A 37 22.78 13.34 7.76
CA THR A 37 21.67 14.11 8.31
C THR A 37 20.41 13.28 8.29
N VAL A 38 19.81 13.06 9.45
CA VAL A 38 18.58 12.27 9.57
C VAL A 38 17.41 13.21 9.78
N GLU A 39 16.38 13.09 8.93
CA GLU A 39 15.18 13.91 9.04
C GLU A 39 13.95 13.01 9.12
N HIS A 40 12.88 13.51 9.73
CA HIS A 40 11.59 12.81 9.79
C HIS A 40 10.47 13.74 9.33
N PRO A 41 10.44 14.05 8.04
CA PRO A 41 9.37 14.91 7.50
C PRO A 41 8.00 14.27 7.64
N ASP A 42 6.99 15.14 7.75
CA ASP A 42 5.61 14.71 7.61
C ASP A 42 5.40 14.08 6.24
N LYS A 43 4.59 13.02 6.21
CA LYS A 43 4.14 12.39 4.96
C LYS A 43 5.32 12.09 4.03
N LEU A 44 6.44 11.64 4.60
CA LEU A 44 7.64 11.45 3.79
C LEU A 44 7.41 10.45 2.65
N GLU A 45 6.51 9.48 2.88
CA GLU A 45 6.27 8.45 1.87
C GLU A 45 5.49 8.98 0.68
N GLU A 46 4.74 10.07 0.87
CA GLU A 46 4.11 10.78 -0.24
C GLU A 46 5.04 11.81 -0.87
N LYS A 47 5.87 12.47 -0.06
CA LYS A 47 6.82 13.44 -0.60
C LYS A 47 7.85 12.78 -1.49
N PHE A 48 8.34 11.60 -1.10
CA PHE A 48 9.45 11.00 -1.83
C PHE A 48 9.18 10.85 -3.31
N PRO A 49 8.07 10.25 -3.76
CA PRO A 49 7.89 10.12 -5.22
C PRO A 49 7.80 11.45 -5.94
N GLN A 50 7.32 12.50 -5.26
CA GLN A 50 7.23 13.82 -5.88
C GLN A 50 8.62 14.42 -6.08
N VAL A 51 9.41 14.53 -5.02
CA VAL A 51 10.71 15.19 -5.14
C VAL A 51 11.74 14.31 -5.84
N ALA A 52 11.65 12.98 -5.68
CA ALA A 52 12.61 12.12 -6.37
C ALA A 52 12.34 12.09 -7.88
N ALA A 53 11.09 12.29 -8.30
CA ALA A 53 10.78 12.30 -9.73
C ALA A 53 11.44 13.46 -10.45
N THR A 54 11.77 14.54 -9.73
CA THR A 54 12.49 15.68 -10.26
C THR A 54 13.98 15.60 -9.96
N GLY A 55 14.46 14.47 -9.43
CA GLY A 55 15.87 14.30 -9.19
C GLY A 55 16.37 14.82 -7.86
N ASP A 56 15.49 15.08 -6.90
CA ASP A 56 15.86 15.63 -5.60
C ASP A 56 15.46 14.66 -4.47
N GLY A 57 15.52 15.13 -3.23
CA GLY A 57 15.10 14.36 -2.08
C GLY A 57 16.24 13.78 -1.28
N PRO A 58 15.94 12.81 -0.42
CA PRO A 58 16.98 12.18 0.42
C PRO A 58 17.83 11.23 -0.41
N ASP A 59 19.04 10.95 0.10
CA ASP A 59 19.82 9.86 -0.48
C ASP A 59 19.18 8.51 -0.15
N ILE A 60 18.63 8.37 1.05
CA ILE A 60 18.09 7.11 1.56
C ILE A 60 16.72 7.39 2.15
N ILE A 61 15.73 6.57 1.79
CA ILE A 61 14.37 6.67 2.35
C ILE A 61 14.06 5.39 3.10
N PHE A 62 13.59 5.54 4.34
CA PHE A 62 13.13 4.41 5.15
C PHE A 62 11.61 4.40 5.17
N TRP A 63 11.02 3.23 4.92
CA TRP A 63 9.59 3.01 5.08
C TRP A 63 9.40 1.49 5.09
N ALA A 64 8.19 1.06 5.46
CA ALA A 64 7.91 -0.36 5.25
C ALA A 64 7.97 -0.68 3.76
N HIS A 65 8.31 -1.93 3.45
CA HIS A 65 8.55 -2.35 2.08
C HIS A 65 7.34 -2.18 1.16
N ASP A 66 6.12 -2.00 1.72
CA ASP A 66 4.94 -1.97 0.85
C ASP A 66 4.92 -0.75 -0.07
N ARG A 67 5.64 0.32 0.27
CA ARG A 67 5.69 1.49 -0.60
C ARG A 67 6.68 1.35 -1.76
N PHE A 68 7.61 0.42 -1.69
CA PHE A 68 8.80 0.52 -2.54
C PHE A 68 8.55 0.06 -3.98
N GLY A 69 7.63 -0.89 -4.20
CA GLY A 69 7.33 -1.31 -5.57
C GLY A 69 6.84 -0.18 -6.45
N GLY A 70 5.96 0.67 -5.91
CA GLY A 70 5.55 1.87 -6.63
C GLY A 70 6.71 2.80 -6.96
N TYR A 71 7.62 3.02 -5.99
CA TYR A 71 8.79 3.84 -6.26
C TYR A 71 9.63 3.25 -7.39
N ALA A 72 9.88 1.94 -7.32
CA ALA A 72 10.73 1.27 -8.31
C ALA A 72 10.09 1.32 -9.69
N GLN A 73 8.77 1.12 -9.76
CA GLN A 73 8.06 1.18 -11.04
C GLN A 73 8.21 2.55 -11.67
N SER A 74 8.34 3.61 -10.86
CA SER A 74 8.56 4.96 -11.36
C SER A 74 10.05 5.26 -11.59
N GLY A 75 10.92 4.27 -11.44
CA GLY A 75 12.34 4.49 -11.65
C GLY A 75 13.02 5.34 -10.60
N LEU A 76 12.48 5.39 -9.38
CA LEU A 76 12.99 6.29 -8.35
C LEU A 76 13.98 5.64 -7.40
N LEU A 77 14.21 4.33 -7.51
CA LEU A 77 15.07 3.60 -6.61
C LEU A 77 16.23 2.95 -7.36
N ALA A 78 17.42 3.05 -6.79
CA ALA A 78 18.58 2.39 -7.36
C ALA A 78 18.53 0.89 -7.06
N GLU A 79 18.93 0.07 -8.03
CA GLU A 79 19.05 -1.35 -7.76
C GLU A 79 20.13 -1.61 -6.71
N ILE A 80 19.80 -2.46 -5.75
CA ILE A 80 20.69 -2.89 -4.68
C ILE A 80 21.37 -4.19 -5.13
N THR A 81 22.69 -4.25 -5.01
CA THR A 81 23.45 -5.46 -5.36
C THR A 81 24.51 -5.75 -4.29
N PRO A 82 24.08 -6.20 -3.12
CA PRO A 82 25.06 -6.67 -2.13
C PRO A 82 25.72 -7.96 -2.58
N ALA A 83 26.91 -8.18 -2.07
CA ALA A 83 27.59 -9.44 -2.34
C ALA A 83 26.80 -10.59 -1.72
N ALA A 84 27.05 -11.80 -2.23
CA ALA A 84 26.36 -12.97 -1.69
C ALA A 84 26.66 -13.14 -0.21
N ALA A 85 27.89 -12.81 0.21
CA ALA A 85 28.26 -12.93 1.61
C ALA A 85 27.42 -12.01 2.51
N PHE A 86 27.18 -10.78 2.06
CA PHE A 86 26.33 -9.90 2.87
C PHE A 86 24.88 -10.37 2.85
N GLN A 87 24.38 -10.83 1.69
CA GLN A 87 23.00 -11.30 1.62
C GLN A 87 22.74 -12.40 2.63
N ASP A 88 23.72 -13.28 2.87
CA ASP A 88 23.55 -14.40 3.80
C ASP A 88 23.50 -13.96 5.25
N LYS A 89 23.83 -12.70 5.57
CA LYS A 89 23.71 -12.22 6.93
C LYS A 89 22.28 -11.87 7.32
N LEU A 90 21.37 -11.72 6.37
CA LEU A 90 19.98 -11.35 6.63
C LEU A 90 19.06 -12.52 6.32
N TYR A 91 17.91 -12.54 7.00
CA TYR A 91 16.93 -13.61 6.78
C TYR A 91 16.43 -13.56 5.34
N PRO A 92 16.38 -14.70 4.64
CA PRO A 92 15.86 -14.72 3.27
C PRO A 92 14.48 -14.09 3.09
N PHE A 93 13.54 -14.23 4.02
CA PHE A 93 12.22 -13.68 3.73
C PHE A 93 12.22 -12.16 3.74
N THR A 94 13.20 -11.52 4.38
CA THR A 94 13.26 -10.07 4.33
C THR A 94 13.79 -9.56 2.99
N TRP A 95 14.74 -10.28 2.36
CA TRP A 95 15.11 -9.92 1.00
C TRP A 95 13.93 -10.04 0.06
N ASP A 96 13.08 -11.05 0.26
CA ASP A 96 11.94 -11.18 -0.63
C ASP A 96 11.00 -9.98 -0.55
N ALA A 97 10.86 -9.39 0.64
CA ALA A 97 9.98 -8.22 0.78
C ALA A 97 10.46 -7.04 -0.05
N VAL A 98 11.77 -6.96 -0.31
CA VAL A 98 12.36 -5.85 -1.05
C VAL A 98 12.79 -6.29 -2.45
N ARG A 99 12.26 -7.41 -2.96
CA ARG A 99 12.54 -7.84 -4.32
C ARG A 99 11.35 -7.48 -5.21
N TYR A 100 11.62 -6.71 -6.26
CA TYR A 100 10.59 -6.24 -7.17
C TYR A 100 11.02 -6.51 -8.60
N ASN A 101 10.21 -7.29 -9.33
CA ASN A 101 10.56 -7.73 -10.69
C ASN A 101 11.95 -8.37 -10.71
N GLY A 102 12.22 -9.21 -9.72
CA GLY A 102 13.46 -9.95 -9.65
C GLY A 102 14.68 -9.17 -9.23
N LYS A 103 14.56 -7.87 -8.92
CA LYS A 103 15.67 -7.04 -8.51
C LYS A 103 15.48 -6.59 -7.07
N LEU A 104 16.57 -6.52 -6.33
CA LEU A 104 16.53 -5.94 -4.99
C LEU A 104 16.49 -4.43 -5.10
N ILE A 105 15.52 -3.81 -4.43
CA ILE A 105 15.28 -2.38 -4.53
C ILE A 105 15.44 -1.66 -3.20
N ALA A 106 15.83 -2.36 -2.14
CA ALA A 106 16.08 -1.72 -0.86
C ALA A 106 16.83 -2.72 0.03
N TYR A 107 17.39 -2.20 1.12
CA TYR A 107 17.94 -3.05 2.18
C TYR A 107 16.88 -3.29 3.25
N PRO A 108 16.56 -4.53 3.59
CA PRO A 108 15.65 -4.77 4.73
C PRO A 108 16.34 -4.56 6.06
N ILE A 109 15.61 -3.99 7.02
CA ILE A 109 16.14 -3.61 8.32
C ILE A 109 15.47 -4.41 9.45
N ALA A 110 14.15 -4.44 9.49
CA ALA A 110 13.48 -5.07 10.61
C ALA A 110 12.08 -5.50 10.21
N VAL A 111 11.58 -6.53 10.89
CA VAL A 111 10.26 -7.08 10.62
C VAL A 111 9.30 -6.63 11.72
N GLU A 112 8.18 -6.05 11.32
CA GLU A 112 7.20 -5.41 12.19
C GLU A 112 5.87 -6.13 12.07
N ALA A 113 5.24 -6.42 13.21
CA ALA A 113 3.87 -6.89 13.22
C ALA A 113 3.22 -6.34 14.49
N LEU A 114 1.94 -6.05 14.38
CA LEU A 114 1.16 -5.63 15.53
C LEU A 114 0.96 -6.80 16.50
N SER A 115 0.89 -6.48 17.79
CA SER A 115 0.52 -7.41 18.84
C SER A 115 -0.52 -6.78 19.75
N LEU A 116 -1.11 -7.61 20.60
CA LEU A 116 -1.95 -7.14 21.68
C LEU A 116 -1.05 -6.76 22.87
N ILE A 117 -1.13 -5.50 23.28
CA ILE A 117 -0.37 -5.01 24.44
C ILE A 117 -1.36 -4.81 25.57
N TYR A 118 -1.08 -5.39 26.74
CA TYR A 118 -2.07 -5.36 27.81
C TYR A 118 -1.43 -4.97 29.13
N ASN A 119 -2.23 -4.30 29.96
CA ASN A 119 -1.81 -3.87 31.29
C ASN A 119 -2.00 -5.05 32.27
N LYS A 120 -0.89 -5.60 32.74
CA LYS A 120 -0.92 -6.81 33.57
C LYS A 120 -1.59 -6.57 34.92
N ASP A 121 -1.50 -5.36 35.45
CA ASP A 121 -2.15 -5.08 36.71
C ASP A 121 -3.65 -5.01 36.54
N LEU A 122 -4.13 -4.35 35.47
CA LEU A 122 -5.56 -4.25 35.22
C LEU A 122 -6.13 -5.57 34.72
N LEU A 123 -5.34 -6.33 33.98
CA LEU A 123 -5.85 -7.46 33.20
C LEU A 123 -4.81 -8.55 33.20
N PRO A 124 -4.69 -9.29 34.31
CA PRO A 124 -3.69 -10.38 34.37
C PRO A 124 -3.83 -11.40 33.26
N ASN A 125 -5.06 -11.70 32.85
CA ASN A 125 -5.33 -12.74 31.85
C ASN A 125 -6.00 -12.06 30.66
N PRO A 126 -5.23 -11.66 29.65
CA PRO A 126 -5.82 -10.98 28.50
C PRO A 126 -6.73 -11.92 27.73
N PRO A 127 -7.70 -11.39 27.00
CA PRO A 127 -8.65 -12.26 26.30
C PRO A 127 -8.03 -12.94 25.10
N LYS A 128 -8.49 -14.15 24.83
CA LYS A 128 -8.08 -14.87 23.65
C LYS A 128 -8.94 -14.55 22.43
N THR A 129 -10.14 -13.99 22.62
CA THR A 129 -11.07 -13.76 21.52
C THR A 129 -11.53 -12.31 21.49
N TRP A 130 -11.77 -11.82 20.27
CA TRP A 130 -12.43 -10.52 20.11
C TRP A 130 -13.81 -10.52 20.76
N GLU A 131 -14.52 -11.65 20.67
CA GLU A 131 -15.89 -11.72 21.16
C GLU A 131 -16.00 -11.50 22.67
N GLU A 132 -14.92 -11.75 23.43
CA GLU A 132 -14.88 -11.50 24.88
C GLU A 132 -14.82 -10.02 25.21
N ILE A 133 -14.35 -9.18 24.28
CA ILE A 133 -14.02 -7.81 24.62
C ILE A 133 -15.21 -7.01 25.16
N PRO A 134 -16.40 -7.07 24.54
CA PRO A 134 -17.51 -6.21 25.04
C PRO A 134 -17.86 -6.49 26.49
N ALA A 135 -17.97 -7.76 26.88
CA ALA A 135 -18.22 -8.07 28.28
C ALA A 135 -17.05 -7.64 29.16
N LEU A 136 -15.81 -7.80 28.65
CA LEU A 136 -14.65 -7.34 29.40
C LEU A 136 -14.66 -5.83 29.60
N ASP A 137 -15.11 -5.09 28.59
CA ASP A 137 -15.20 -3.65 28.72
C ASP A 137 -16.26 -3.25 29.74
N LYS A 138 -17.44 -3.87 29.68
CA LYS A 138 -18.45 -3.61 30.70
C LYS A 138 -17.88 -3.79 32.09
N GLU A 139 -17.09 -4.85 32.28
CA GLU A 139 -16.46 -5.10 33.57
C GLU A 139 -15.49 -4.00 33.96
N LEU A 140 -14.63 -3.58 33.02
CA LEU A 140 -13.60 -2.61 33.36
C LEU A 140 -14.17 -1.21 33.54
N LYS A 141 -15.22 -0.86 32.80
CA LYS A 141 -15.85 0.44 33.00
C LYS A 141 -16.40 0.59 34.42
N ALA A 142 -16.85 -0.51 35.03
CA ALA A 142 -17.29 -0.45 36.42
C ALA A 142 -16.15 -0.17 37.38
N LYS A 143 -14.90 -0.38 36.96
CA LYS A 143 -13.75 -0.06 37.77
C LYS A 143 -13.18 1.31 37.43
N GLY A 144 -13.89 2.08 36.60
CA GLY A 144 -13.40 3.37 36.16
C GLY A 144 -12.39 3.32 35.03
N LYS A 145 -12.34 2.21 34.29
CA LYS A 145 -11.36 2.04 33.22
C LYS A 145 -12.12 1.66 31.95
N SER A 146 -11.41 1.07 30.97
CA SER A 146 -12.02 0.53 29.76
C SER A 146 -11.15 -0.62 29.26
N ALA A 147 -11.70 -1.43 28.34
CA ALA A 147 -10.94 -2.62 27.93
C ALA A 147 -9.88 -2.31 26.88
N LEU A 148 -10.24 -1.61 25.81
CA LEU A 148 -9.35 -1.56 24.64
C LEU A 148 -9.45 -0.22 23.91
N MET A 149 -8.28 0.35 23.57
CA MET A 149 -8.23 1.53 22.72
C MET A 149 -7.05 1.38 21.77
N PHE A 150 -7.29 1.57 20.48
CA PHE A 150 -6.21 1.56 19.50
C PHE A 150 -6.59 2.46 18.33
N ASN A 151 -5.59 2.77 17.51
CA ASN A 151 -5.75 3.72 16.42
C ASN A 151 -6.75 3.21 15.39
N LEU A 152 -7.90 3.91 15.25
CA LEU A 152 -8.91 3.55 14.27
C LEU A 152 -8.85 4.39 13.00
N GLN A 153 -7.91 5.33 12.93
CA GLN A 153 -7.77 6.21 11.78
C GLN A 153 -6.88 5.61 10.69
N GLU A 154 -6.02 4.66 11.04
CA GLU A 154 -5.11 4.06 10.07
C GLU A 154 -5.48 2.61 9.83
N PRO A 155 -5.75 2.20 8.58
CA PRO A 155 -6.24 0.83 8.32
C PRO A 155 -5.25 -0.27 8.71
N TYR A 156 -3.96 0.05 8.82
CA TYR A 156 -2.98 -0.91 9.34
C TYR A 156 -3.44 -1.58 10.62
N PHE A 157 -4.08 -0.80 11.52
CA PHE A 157 -4.42 -1.31 12.85
C PHE A 157 -5.70 -2.09 12.86
N THR A 158 -6.62 -1.82 11.94
CA THR A 158 -7.89 -2.56 11.88
C THR A 158 -7.85 -3.73 10.91
N TRP A 159 -6.91 -3.72 9.96
CA TRP A 159 -6.76 -4.83 9.03
C TRP A 159 -6.63 -6.21 9.67
N PRO A 160 -5.93 -6.41 10.80
CA PRO A 160 -5.84 -7.77 11.35
C PRO A 160 -7.19 -8.39 11.63
N LEU A 161 -8.17 -7.58 12.10
CA LEU A 161 -9.50 -8.11 12.36
C LEU A 161 -10.28 -8.31 11.06
N ILE A 162 -10.18 -7.37 10.11
CA ILE A 162 -10.85 -7.52 8.82
C ILE A 162 -10.38 -8.78 8.10
N ALA A 163 -9.09 -9.09 8.19
CA ALA A 163 -8.54 -10.25 7.48
C ALA A 163 -8.81 -11.57 8.19
N ALA A 164 -9.16 -11.54 9.48
CA ALA A 164 -9.20 -12.78 10.25
C ALA A 164 -10.14 -13.82 9.63
N ASP A 165 -11.35 -13.39 9.24
CA ASP A 165 -12.34 -14.33 8.73
C ASP A 165 -12.38 -14.39 7.21
N GLY A 166 -11.44 -13.76 6.52
CA GLY A 166 -11.34 -13.98 5.10
C GLY A 166 -10.96 -12.80 4.23
N GLY A 167 -10.89 -11.60 4.82
CA GLY A 167 -10.47 -10.45 4.04
C GLY A 167 -9.03 -10.60 3.57
N TYR A 168 -8.77 -10.11 2.36
CA TYR A 168 -7.41 -10.04 1.86
C TYR A 168 -7.29 -8.89 0.88
N ALA A 169 -6.04 -8.50 0.60
CA ALA A 169 -5.80 -7.39 -0.32
C ALA A 169 -5.85 -7.90 -1.76
N PHE A 170 -4.80 -8.61 -2.20
CA PHE A 170 -4.71 -9.22 -3.51
C PHE A 170 -4.38 -10.70 -3.35
N LYS A 171 -5.10 -11.57 -4.06
CA LYS A 171 -4.88 -13.00 -3.91
C LYS A 171 -3.46 -13.39 -4.35
N TYR A 172 -2.78 -14.18 -3.53
CA TYR A 172 -1.40 -14.59 -3.76
C TYR A 172 -1.37 -16.06 -4.18
N GLU A 173 -0.87 -16.32 -5.39
CA GLU A 173 -0.68 -17.68 -5.88
C GLU A 173 0.56 -17.71 -6.77
N ASN A 174 1.25 -18.85 -6.75
CA ASN A 174 2.48 -19.05 -7.54
C ASN A 174 3.45 -17.88 -7.37
N GLY A 175 3.66 -17.49 -6.11
CA GLY A 175 4.56 -16.39 -5.82
C GLY A 175 4.18 -15.07 -6.44
N LYS A 176 2.88 -14.85 -6.70
CA LYS A 176 2.42 -13.76 -7.54
C LYS A 176 1.08 -13.24 -7.04
N TYR A 177 0.85 -11.94 -7.25
CA TYR A 177 -0.39 -11.26 -6.85
C TYR A 177 -1.28 -11.03 -8.05
N ASP A 178 -2.53 -11.41 -7.93
CA ASP A 178 -3.52 -11.15 -8.96
C ASP A 178 -4.29 -9.89 -8.57
N ILE A 179 -4.03 -8.79 -9.28
CA ILE A 179 -4.74 -7.55 -8.99
C ILE A 179 -6.20 -7.59 -9.43
N LYS A 180 -6.59 -8.63 -10.19
CA LYS A 180 -8.00 -8.81 -10.52
C LYS A 180 -8.79 -9.42 -9.36
N ASP A 181 -8.12 -10.02 -8.38
CA ASP A 181 -8.78 -10.72 -7.28
C ASP A 181 -8.46 -9.96 -5.99
N VAL A 182 -9.33 -9.03 -5.63
CA VAL A 182 -9.22 -8.20 -4.43
C VAL A 182 -10.23 -8.72 -3.40
N GLY A 183 -9.84 -8.76 -2.13
CA GLY A 183 -10.68 -9.40 -1.13
C GLY A 183 -11.20 -8.46 -0.06
N VAL A 184 -11.49 -7.23 -0.48
CA VAL A 184 -11.85 -6.18 0.46
C VAL A 184 -13.33 -6.23 0.81
N ASP A 185 -14.18 -6.70 -0.09
CA ASP A 185 -15.62 -6.67 0.16
C ASP A 185 -16.23 -8.07 0.20
N ASN A 186 -15.43 -9.08 0.54
CA ASN A 186 -16.01 -10.41 0.68
C ASN A 186 -16.61 -10.59 2.08
N ALA A 187 -17.18 -11.78 2.31
CA ALA A 187 -17.96 -12.02 3.52
C ALA A 187 -17.09 -11.93 4.77
N GLY A 188 -15.86 -12.43 4.71
CA GLY A 188 -14.98 -12.36 5.86
C GLY A 188 -14.59 -10.95 6.22
N ALA A 189 -14.31 -10.12 5.21
CA ALA A 189 -14.00 -8.71 5.46
C ALA A 189 -15.19 -8.00 6.08
N LYS A 190 -16.39 -8.26 5.57
CA LYS A 190 -17.60 -7.64 6.11
C LYS A 190 -17.84 -8.06 7.55
N ALA A 191 -17.62 -9.34 7.86
CA ALA A 191 -17.79 -9.84 9.22
C ALA A 191 -16.85 -9.13 10.19
N GLY A 192 -15.59 -8.98 9.81
CA GLY A 192 -14.64 -8.34 10.71
C GLY A 192 -14.94 -6.86 10.94
N LEU A 193 -15.23 -6.13 9.85
CA LEU A 193 -15.50 -4.70 9.99
C LEU A 193 -16.82 -4.47 10.71
N THR A 194 -17.82 -5.32 10.44
CA THR A 194 -19.08 -5.23 11.19
C THR A 194 -18.84 -5.41 12.70
N PHE A 195 -17.96 -6.35 13.09
CA PHE A 195 -17.66 -6.52 14.51
C PHE A 195 -17.03 -5.26 15.07
N LEU A 196 -16.12 -4.63 14.32
CA LEU A 196 -15.53 -3.37 14.77
C LEU A 196 -16.57 -2.28 14.89
N VAL A 197 -17.45 -2.15 13.89
CA VAL A 197 -18.49 -1.13 13.95
C VAL A 197 -19.42 -1.38 15.13
N ASP A 198 -19.72 -2.65 15.41
CA ASP A 198 -20.59 -2.97 16.55
C ASP A 198 -19.91 -2.62 17.88
N LEU A 199 -18.59 -2.81 17.97
CA LEU A 199 -17.89 -2.37 19.18
C LEU A 199 -18.11 -0.89 19.43
N ILE A 200 -18.08 -0.09 18.37
CA ILE A 200 -18.27 1.35 18.51
C ILE A 200 -19.72 1.66 18.84
N LYS A 201 -20.66 1.00 18.14
CA LYS A 201 -22.08 1.23 18.40
C LYS A 201 -22.44 0.91 19.84
N ASN A 202 -21.88 -0.17 20.39
CA ASN A 202 -22.13 -0.60 21.75
C ASN A 202 -21.23 0.08 22.77
N LYS A 203 -20.60 1.19 22.38
CA LYS A 203 -19.84 2.06 23.28
C LYS A 203 -18.68 1.32 23.94
N HIS A 204 -18.02 0.45 23.18
CA HIS A 204 -16.77 -0.13 23.65
C HIS A 204 -15.55 0.51 23.01
N MET A 205 -15.73 1.26 21.91
CA MET A 205 -14.68 2.10 21.35
C MET A 205 -15.32 3.35 20.75
N ASN A 206 -14.48 4.32 20.42
CA ASN A 206 -14.92 5.57 19.81
C ASN A 206 -14.31 5.69 18.42
N ALA A 207 -15.14 6.07 17.43
CA ALA A 207 -14.67 6.12 16.06
C ALA A 207 -13.51 7.09 15.86
N ASP A 208 -13.41 8.12 16.71
CA ASP A 208 -12.41 9.16 16.58
C ASP A 208 -11.06 8.81 17.21
N THR A 209 -10.93 7.65 17.86
CA THR A 209 -9.67 7.33 18.54
C THR A 209 -8.54 7.19 17.53
N ASP A 210 -7.45 7.93 17.75
CA ASP A 210 -6.31 7.88 16.84
C ASP A 210 -5.08 7.37 17.58
N TYR A 211 -3.91 7.48 16.95
CA TYR A 211 -2.69 6.96 17.55
C TYR A 211 -2.41 7.65 18.89
N SER A 212 -2.46 8.99 18.90
CA SER A 212 -2.09 9.74 20.10
C SER A 212 -3.05 9.47 21.25
N ILE A 213 -4.35 9.47 20.99
CA ILE A 213 -5.35 9.24 22.03
C ILE A 213 -5.17 7.84 22.63
N ALA A 214 -5.00 6.84 21.77
CA ALA A 214 -4.86 5.48 22.27
C ALA A 214 -3.56 5.31 23.06
N GLU A 215 -2.46 5.88 22.55
CA GLU A 215 -1.19 5.77 23.27
C GLU A 215 -1.28 6.42 24.64
N ALA A 216 -1.87 7.61 24.71
CA ALA A 216 -1.95 8.32 25.99
C ALA A 216 -2.81 7.55 26.98
N ALA A 217 -3.94 7.03 26.51
CA ALA A 217 -4.84 6.29 27.40
C ALA A 217 -4.16 5.04 27.95
N PHE A 218 -3.50 4.27 27.09
CA PHE A 218 -2.84 3.07 27.61
C PHE A 218 -1.70 3.43 28.54
N ASN A 219 -0.87 4.42 28.18
CA ASN A 219 0.29 4.68 29.00
C ASN A 219 -0.05 5.42 30.29
N LYS A 220 -1.24 6.04 30.37
CA LYS A 220 -1.72 6.61 31.62
C LYS A 220 -2.46 5.60 32.48
N GLY A 221 -2.57 4.35 32.03
CA GLY A 221 -3.25 3.33 32.79
C GLY A 221 -4.77 3.44 32.79
N GLU A 222 -5.34 4.08 31.77
CA GLU A 222 -6.79 4.26 31.72
C GLU A 222 -7.50 3.12 30.98
N THR A 223 -6.82 2.46 30.06
CA THR A 223 -7.40 1.36 29.30
C THR A 223 -6.50 0.13 29.45
N ALA A 224 -7.14 -1.05 29.45
CA ALA A 224 -6.42 -2.28 29.77
C ALA A 224 -5.62 -2.83 28.60
N MET A 225 -5.96 -2.46 27.38
CA MET A 225 -5.33 -3.06 26.21
C MET A 225 -5.16 -2.00 25.12
N THR A 226 -4.12 -2.18 24.31
CA THR A 226 -4.00 -1.44 23.06
C THR A 226 -3.46 -2.40 22.00
N ILE A 227 -3.44 -1.94 20.76
CA ILE A 227 -2.84 -2.69 19.65
C ILE A 227 -1.78 -1.80 19.02
N ASN A 228 -0.55 -2.29 18.95
CA ASN A 228 0.55 -1.46 18.46
C ASN A 228 1.75 -2.33 18.15
N GLY A 229 2.77 -1.71 17.55
CA GLY A 229 3.97 -2.41 17.16
C GLY A 229 5.15 -2.09 18.08
N PRO A 230 6.31 -2.66 17.77
CA PRO A 230 7.45 -2.57 18.69
C PRO A 230 7.96 -1.16 18.92
N TRP A 231 7.79 -0.26 17.95
CA TRP A 231 8.21 1.14 18.12
C TRP A 231 7.54 1.82 19.32
N ALA A 232 6.40 1.28 19.78
CA ALA A 232 5.68 1.91 20.87
C ALA A 232 6.17 1.52 22.26
N TRP A 233 6.98 0.46 22.35
CA TRP A 233 7.26 -0.14 23.66
C TRP A 233 8.06 0.80 24.55
N SER A 234 8.97 1.60 23.98
CA SER A 234 9.83 2.35 24.89
C SER A 234 9.07 3.49 25.58
N ASN A 235 8.03 4.05 24.94
CA ASN A 235 7.17 5.01 25.64
C ASN A 235 6.37 4.34 26.75
N ILE A 236 5.93 3.10 26.53
CA ILE A 236 5.24 2.40 27.61
C ILE A 236 6.21 2.17 28.77
N ASP A 237 7.46 1.77 28.46
CA ASP A 237 8.46 1.59 29.52
C ASP A 237 8.55 2.82 30.40
N THR A 238 8.73 3.99 29.78
CA THR A 238 8.94 5.20 30.56
C THR A 238 7.68 5.65 31.30
N SER A 239 6.50 5.17 30.87
CA SER A 239 5.27 5.46 31.61
C SER A 239 5.10 4.58 32.83
N ALA A 240 5.96 3.57 33.03
CA ALA A 240 5.95 2.68 34.18
C ALA A 240 4.74 1.76 34.24
N VAL A 241 4.03 1.58 33.13
CA VAL A 241 2.96 0.58 33.09
C VAL A 241 3.58 -0.81 33.06
N ASN A 242 3.00 -1.74 33.83
CA ASN A 242 3.45 -3.14 33.82
C ASN A 242 2.68 -3.84 32.70
N TYR A 243 3.35 -4.04 31.56
CA TYR A 243 2.65 -4.49 30.37
C TYR A 243 3.20 -5.80 29.85
N GLY A 244 2.34 -6.50 29.11
CA GLY A 244 2.72 -7.65 28.35
C GLY A 244 2.38 -7.48 26.88
N VAL A 245 3.04 -8.27 26.04
CA VAL A 245 2.85 -8.27 24.60
C VAL A 245 2.48 -9.69 24.22
N THR A 246 1.34 -9.88 23.57
CA THR A 246 0.84 -11.23 23.37
C THR A 246 0.14 -11.37 22.02
N VAL A 247 -0.32 -12.58 21.76
CA VAL A 247 -1.01 -12.88 20.51
C VAL A 247 -2.30 -12.06 20.41
N LEU A 248 -2.59 -11.58 19.22
CA LEU A 248 -3.84 -10.86 18.98
C LEU A 248 -5.04 -11.78 19.24
N PRO A 249 -6.17 -11.21 19.63
CA PRO A 249 -7.37 -12.03 19.86
C PRO A 249 -7.83 -12.67 18.56
N THR A 250 -8.49 -13.83 18.69
CA THR A 250 -9.08 -14.47 17.53
C THR A 250 -10.47 -13.89 17.25
N PHE A 251 -10.89 -14.00 15.99
CA PHE A 251 -12.24 -13.62 15.59
C PHE A 251 -12.89 -14.81 14.89
N LYS A 252 -14.05 -15.23 15.41
CA LYS A 252 -14.71 -16.45 14.95
C LYS A 252 -13.74 -17.64 14.97
N GLY A 253 -12.90 -17.69 16.01
CA GLY A 253 -11.93 -18.75 16.16
C GLY A 253 -10.74 -18.68 15.24
N GLN A 254 -10.67 -17.68 14.35
CA GLN A 254 -9.55 -17.50 13.43
C GLN A 254 -8.57 -16.48 13.99
N PRO A 255 -7.27 -16.68 13.78
CA PRO A 255 -6.29 -15.68 14.24
C PRO A 255 -6.49 -14.34 13.54
N SER A 256 -6.26 -13.25 14.29
CA SER A 256 -6.08 -11.97 13.62
C SER A 256 -4.86 -12.07 12.71
N LYS A 257 -4.93 -11.43 11.55
CA LYS A 257 -3.90 -11.58 10.52
C LYS A 257 -3.33 -10.20 10.21
N PRO A 258 -2.35 -9.75 11.00
CA PRO A 258 -1.72 -8.46 10.73
C PRO A 258 -0.98 -8.50 9.41
N PHE A 259 -0.94 -7.35 8.73
CA PHE A 259 -0.07 -7.17 7.58
C PHE A 259 1.33 -6.87 8.09
N VAL A 260 2.31 -7.70 7.71
CA VAL A 260 3.66 -7.61 8.23
C VAL A 260 4.46 -6.68 7.35
N GLY A 261 5.08 -5.68 7.98
CA GLY A 261 5.94 -4.74 7.29
C GLY A 261 7.40 -5.06 7.55
N VAL A 262 8.22 -4.91 6.53
CA VAL A 262 9.66 -4.98 6.68
C VAL A 262 10.16 -3.54 6.50
N LEU A 263 10.55 -2.90 7.61
CA LEU A 263 11.19 -1.59 7.51
C LEU A 263 12.42 -1.71 6.62
N SER A 264 12.49 -0.86 5.61
CA SER A 264 13.46 -1.03 4.54
C SER A 264 14.08 0.31 4.19
N ALA A 265 15.31 0.28 3.67
CA ALA A 265 16.05 1.49 3.32
C ALA A 265 16.38 1.45 1.83
N GLY A 266 15.77 2.35 1.06
CA GLY A 266 16.00 2.42 -0.38
C GLY A 266 16.94 3.57 -0.69
N ILE A 267 17.66 3.45 -1.79
CA ILE A 267 18.58 4.49 -2.24
C ILE A 267 17.93 5.23 -3.41
N ASN A 268 17.87 6.56 -3.30
CA ASN A 268 17.31 7.41 -4.35
C ASN A 268 18.07 7.22 -5.65
N ALA A 269 17.35 6.89 -6.74
CA ALA A 269 18.00 6.70 -8.03
C ALA A 269 18.76 7.94 -8.49
N ALA A 270 18.36 9.11 -8.01
CA ALA A 270 19.03 10.36 -8.36
C ALA A 270 20.20 10.69 -7.45
N SER A 271 20.47 9.90 -6.41
CA SER A 271 21.53 10.24 -5.48
C SER A 271 22.89 10.16 -6.18
N PRO A 272 23.74 11.18 -6.06
CA PRO A 272 25.15 11.06 -6.48
C PRO A 272 26.02 10.36 -5.45
N ASN A 273 25.41 9.81 -4.41
CA ASN A 273 26.10 9.24 -3.26
C ASN A 273 25.78 7.75 -3.08
N LYS A 274 25.48 7.04 -4.17
CA LYS A 274 25.00 5.67 -4.04
C LYS A 274 26.06 4.78 -3.38
N GLU A 275 27.33 5.00 -3.71
CA GLU A 275 28.39 4.17 -3.13
C GLU A 275 28.49 4.38 -1.62
N LEU A 276 28.50 5.64 -1.18
CA LEU A 276 28.52 5.95 0.24
C LEU A 276 27.27 5.41 0.94
N ALA A 277 26.10 5.51 0.30
CA ALA A 277 24.88 5.01 0.92
C ALA A 277 24.97 3.50 1.14
N LYS A 278 25.51 2.77 0.18
CA LYS A 278 25.66 1.33 0.36
C LYS A 278 26.65 1.01 1.47
N GLU A 279 27.75 1.78 1.55
CA GLU A 279 28.71 1.57 2.63
C GLU A 279 28.08 1.86 3.99
N PHE A 280 27.30 2.93 4.10
CA PHE A 280 26.64 3.23 5.36
C PHE A 280 25.66 2.11 5.73
N LEU A 281 24.81 1.70 4.78
CA LEU A 281 23.74 0.76 5.11
C LEU A 281 24.28 -0.62 5.42
N GLU A 282 25.20 -1.12 4.57
CA GLU A 282 25.71 -2.47 4.77
C GLU A 282 26.66 -2.56 5.96
N ASN A 283 27.56 -1.59 6.11
CA ASN A 283 28.69 -1.79 7.01
C ASN A 283 28.64 -0.95 8.27
N TYR A 284 27.63 -0.09 8.42
CA TYR A 284 27.42 0.63 9.66
C TYR A 284 26.06 0.36 10.27
N LEU A 285 24.97 0.50 9.49
CA LEU A 285 23.66 0.28 10.06
C LEU A 285 23.40 -1.21 10.30
N LEU A 286 23.56 -2.05 9.27
CA LEU A 286 23.23 -3.48 9.35
C LEU A 286 24.38 -4.27 9.99
N THR A 287 24.72 -3.82 11.19
CA THR A 287 25.65 -4.48 12.09
C THR A 287 24.96 -4.61 13.44
N ASP A 288 25.50 -5.47 14.32
CA ASP A 288 24.99 -5.52 15.68
C ASP A 288 25.00 -4.13 16.32
N GLU A 289 26.13 -3.44 16.21
CA GLU A 289 26.29 -2.16 16.90
C GLU A 289 25.33 -1.10 16.34
N GLY A 290 25.16 -1.08 15.01
CA GLY A 290 24.29 -0.08 14.41
C GLY A 290 22.82 -0.33 14.69
N LEU A 291 22.37 -1.58 14.55
CA LEU A 291 20.98 -1.86 14.87
C LEU A 291 20.69 -1.68 16.36
N GLU A 292 21.66 -1.98 17.22
CA GLU A 292 21.44 -1.76 18.64
C GLU A 292 21.23 -0.28 18.94
N ALA A 293 21.96 0.60 18.25
CA ALA A 293 21.82 2.04 18.49
C ALA A 293 20.42 2.53 18.13
N VAL A 294 19.88 2.04 17.02
CA VAL A 294 18.52 2.42 16.66
C VAL A 294 17.52 1.78 17.60
N ASN A 295 17.72 0.49 17.91
CA ASN A 295 16.81 -0.25 18.77
C ASN A 295 16.73 0.35 20.17
N LYS A 296 17.84 0.87 20.69
CA LYS A 296 17.81 1.49 22.02
C LYS A 296 16.94 2.74 22.06
N ASP A 297 16.76 3.40 20.92
CA ASP A 297 15.92 4.59 20.85
C ASP A 297 14.44 4.20 20.79
N LYS A 298 14.04 3.54 19.70
CA LYS A 298 12.71 2.95 19.58
C LYS A 298 12.91 1.52 19.08
N PRO A 299 12.29 0.53 19.72
CA PRO A 299 12.56 -0.86 19.32
C PRO A 299 12.14 -1.12 17.88
N LEU A 300 13.00 -1.84 17.14
CA LEU A 300 12.79 -2.13 15.73
C LEU A 300 11.82 -3.28 15.49
N GLY A 301 11.63 -4.16 16.46
CA GLY A 301 11.00 -5.45 16.20
C GLY A 301 12.03 -6.55 15.96
N ALA A 302 11.71 -7.52 15.12
CA ALA A 302 12.63 -8.61 14.79
C ALA A 302 13.53 -8.22 13.62
N VAL A 303 14.80 -7.96 13.90
CA VAL A 303 15.64 -7.34 12.88
C VAL A 303 15.99 -8.34 11.78
N ALA A 304 16.38 -7.80 10.61
CA ALA A 304 16.71 -8.64 9.48
C ALA A 304 18.08 -9.30 9.66
N LEU A 305 18.93 -8.76 10.51
CA LEU A 305 20.28 -9.25 10.70
C LEU A 305 20.25 -10.43 11.68
N LYS A 306 20.62 -11.62 11.18
CA LYS A 306 20.52 -12.84 11.97
C LYS A 306 21.28 -12.73 13.29
N SER A 307 22.52 -12.24 13.24
CA SER A 307 23.37 -12.27 14.43
C SER A 307 22.76 -11.48 15.57
N TYR A 308 22.07 -10.38 15.27
CA TYR A 308 21.43 -9.62 16.31
C TYR A 308 20.05 -10.16 16.66
N GLU A 309 19.31 -10.69 15.68
CA GLU A 309 17.98 -11.19 15.96
C GLU A 309 18.02 -12.39 16.89
N GLU A 310 19.09 -13.19 16.83
CA GLU A 310 19.17 -14.31 17.75
C GLU A 310 19.27 -13.86 19.20
N GLU A 311 19.76 -12.65 19.45
CA GLU A 311 19.62 -12.10 20.79
C GLU A 311 18.23 -11.54 21.04
N LEU A 312 17.66 -10.80 20.08
CA LEU A 312 16.36 -10.20 20.33
C LEU A 312 15.27 -11.25 20.51
N ALA A 313 15.41 -12.40 19.84
CA ALA A 313 14.39 -13.44 19.88
C ALA A 313 14.17 -14.00 21.29
N LYS A 314 15.13 -13.82 22.19
CA LYS A 314 14.97 -14.26 23.57
C LYS A 314 14.04 -13.35 24.36
N ASP A 315 13.66 -12.21 23.80
CA ASP A 315 12.70 -11.30 24.42
C ASP A 315 11.29 -11.80 24.13
N PRO A 316 10.47 -12.09 25.16
CA PRO A 316 9.11 -12.58 24.88
C PRO A 316 8.28 -11.61 24.07
N ARG A 317 8.59 -10.31 24.09
CA ARG A 317 7.86 -9.34 23.28
C ARG A 317 8.14 -9.56 21.80
N ILE A 318 9.39 -9.94 21.48
CA ILE A 318 9.79 -10.24 20.11
C ILE A 318 9.18 -11.57 19.68
N ALA A 319 9.17 -12.55 20.58
CA ALA A 319 8.53 -13.82 20.26
C ALA A 319 7.06 -13.61 19.92
N ALA A 320 6.36 -12.79 20.69
CA ALA A 320 4.96 -12.51 20.42
C ALA A 320 4.80 -11.75 19.10
N THR A 321 5.73 -10.82 18.84
CA THR A 321 5.71 -10.07 17.58
C THR A 321 5.76 -11.03 16.39
N MET A 322 6.65 -12.03 16.46
CA MET A 322 6.81 -12.96 15.35
C MET A 322 5.73 -14.03 15.33
N GLU A 323 5.13 -14.35 16.49
CA GLU A 323 3.96 -15.22 16.48
C GLU A 323 2.80 -14.56 15.74
N ASN A 324 2.56 -13.29 16.02
CA ASN A 324 1.53 -12.56 15.30
C ASN A 324 1.91 -12.40 13.83
N ALA A 325 3.18 -12.13 13.53
CA ALA A 325 3.61 -12.03 12.14
C ALA A 325 3.32 -13.32 11.39
N GLN A 326 3.63 -14.46 12.01
CA GLN A 326 3.51 -15.73 11.30
C GLN A 326 2.05 -16.06 10.99
N LYS A 327 1.13 -15.60 11.82
CA LYS A 327 -0.29 -15.75 11.55
C LYS A 327 -0.81 -14.77 10.51
N GLY A 328 -0.15 -13.65 10.30
CA GLY A 328 -0.54 -12.67 9.30
C GLY A 328 0.04 -12.97 7.94
N GLU A 329 0.25 -11.92 7.15
CA GLU A 329 0.85 -12.07 5.83
C GLU A 329 1.82 -10.93 5.57
N ILE A 330 2.89 -11.23 4.84
N ILE A 330 2.91 -11.24 4.86
CA ILE A 330 3.79 -10.18 4.41
CA ILE A 330 3.78 -10.19 4.35
C ILE A 330 3.08 -9.28 3.40
C ILE A 330 2.98 -9.27 3.45
N MET A 331 3.20 -7.97 3.60
CA MET A 331 2.56 -7.05 2.68
C MET A 331 3.11 -7.27 1.26
N PRO A 332 2.25 -7.20 0.25
CA PRO A 332 2.74 -7.03 -1.13
C PRO A 332 3.52 -5.74 -1.22
N ASN A 333 4.50 -5.71 -2.13
CA ASN A 333 5.20 -4.47 -2.41
C ASN A 333 4.77 -3.87 -3.75
N ILE A 334 3.74 -4.42 -4.39
CA ILE A 334 3.34 -3.96 -5.72
C ILE A 334 2.85 -2.52 -5.71
N PRO A 335 2.94 -1.81 -6.85
CA PRO A 335 2.51 -0.42 -6.90
C PRO A 335 1.08 -0.19 -6.46
N GLN A 336 0.22 -1.20 -6.58
CA GLN A 336 -1.18 -1.06 -6.22
C GLN A 336 -1.42 -0.98 -4.71
N MET A 337 -0.39 -1.21 -3.89
CA MET A 337 -0.63 -1.27 -2.45
C MET A 337 -1.08 0.07 -1.88
N SER A 338 -0.55 1.19 -2.41
CA SER A 338 -0.96 2.48 -1.84
C SER A 338 -2.44 2.74 -2.11
N ALA A 339 -2.91 2.48 -3.34
CA ALA A 339 -4.33 2.61 -3.64
C ALA A 339 -5.17 1.73 -2.73
N PHE A 340 -4.70 0.51 -2.46
CA PHE A 340 -5.40 -0.39 -1.53
C PHE A 340 -5.52 0.25 -0.15
N TRP A 341 -4.41 0.79 0.39
CA TRP A 341 -4.47 1.38 1.73
C TRP A 341 -5.37 2.61 1.76
N TYR A 342 -5.23 3.51 0.77
CA TYR A 342 -6.09 4.70 0.76
C TYR A 342 -7.56 4.31 0.72
N ALA A 343 -7.88 3.25 -0.04
CA ALA A 343 -9.27 2.79 -0.19
C ALA A 343 -9.80 2.22 1.12
N VAL A 344 -9.02 1.35 1.77
CA VAL A 344 -9.48 0.77 3.02
C VAL A 344 -9.51 1.82 4.14
N ARG A 345 -8.61 2.81 4.09
CA ARG A 345 -8.64 3.86 5.10
C ARG A 345 -10.00 4.54 5.11
N THR A 346 -10.47 4.95 3.94
CA THR A 346 -11.76 5.60 3.82
C THR A 346 -12.89 4.68 4.27
N ALA A 347 -12.82 3.40 3.88
CA ALA A 347 -13.89 2.47 4.21
C ALA A 347 -14.03 2.31 5.71
N VAL A 348 -12.93 2.10 6.43
CA VAL A 348 -13.01 1.91 7.88
C VAL A 348 -13.52 3.17 8.56
N ILE A 349 -12.99 4.33 8.18
CA ILE A 349 -13.43 5.57 8.81
C ILE A 349 -14.90 5.81 8.52
N ASN A 350 -15.32 5.64 7.26
CA ASN A 350 -16.71 5.88 6.93
C ASN A 350 -17.64 4.90 7.64
N ALA A 351 -17.24 3.63 7.73
CA ALA A 351 -18.08 2.65 8.40
C ALA A 351 -18.12 2.89 9.90
N ALA A 352 -16.96 3.22 10.49
CA ALA A 352 -16.88 3.40 11.94
C ALA A 352 -17.74 4.56 12.39
N SER A 353 -17.80 5.62 11.59
CA SER A 353 -18.54 6.84 11.90
C SER A 353 -20.01 6.73 11.53
N GLY A 354 -20.42 5.64 10.88
CA GLY A 354 -21.78 5.48 10.44
C GLY A 354 -22.14 6.25 9.19
N ARG A 355 -21.18 6.89 8.52
CA ARG A 355 -21.51 7.60 7.30
C ARG A 355 -21.90 6.64 6.18
N GLN A 356 -21.32 5.44 6.17
CA GLN A 356 -21.71 4.40 5.24
C GLN A 356 -21.98 3.13 6.01
N THR A 357 -22.85 2.28 5.46
CA THR A 357 -22.94 0.92 5.95
C THR A 357 -21.63 0.20 5.67
N VAL A 358 -21.41 -0.90 6.40
CA VAL A 358 -20.21 -1.71 6.18
C VAL A 358 -20.16 -2.18 4.73
N ASP A 359 -21.29 -2.67 4.22
CA ASP A 359 -21.35 -3.19 2.85
C ASP A 359 -21.05 -2.11 1.81
N ALA A 360 -21.60 -0.91 1.99
CA ALA A 360 -21.35 0.14 1.01
C ALA A 360 -19.91 0.66 1.08
N ALA A 361 -19.37 0.76 2.30
CA ALA A 361 -18.00 1.23 2.47
C ALA A 361 -17.00 0.29 1.81
N LEU A 362 -17.13 -1.01 2.06
CA LEU A 362 -16.17 -1.97 1.51
C LEU A 362 -16.40 -2.19 0.03
N ALA A 363 -17.65 -2.07 -0.45
CA ALA A 363 -17.88 -2.18 -1.88
C ALA A 363 -17.19 -1.05 -2.63
N ALA A 364 -17.25 0.16 -2.08
CA ALA A 364 -16.52 1.28 -2.67
C ALA A 364 -15.02 1.04 -2.62
N ALA A 365 -14.52 0.50 -1.51
CA ALA A 365 -13.09 0.30 -1.37
C ALA A 365 -12.58 -0.78 -2.31
N GLN A 366 -13.37 -1.85 -2.50
CA GLN A 366 -12.99 -2.89 -3.44
C GLN A 366 -12.72 -2.29 -4.83
N THR A 367 -13.56 -1.34 -5.25
CA THR A 367 -13.42 -0.68 -6.53
C THR A 367 -12.20 0.24 -6.56
N ASN A 368 -12.10 1.13 -5.56
CA ASN A 368 -11.00 2.10 -5.51
C ASN A 368 -9.65 1.40 -5.46
N ALA A 369 -9.55 0.30 -4.72
CA ALA A 369 -8.26 -0.40 -4.59
C ALA A 369 -7.73 -0.85 -5.94
N ALA A 370 -8.62 -1.02 -6.92
CA ALA A 370 -8.24 -1.51 -8.24
C ALA A 370 -8.67 -0.56 -9.36
N ALA A 371 -8.93 0.71 -9.04
CA ALA A 371 -9.51 1.63 -10.03
C ALA A 371 -8.63 1.75 -11.26
N GLU A 372 -7.31 1.90 -11.07
CA GLU A 372 -6.41 2.05 -12.19
C GLU A 372 -6.43 0.81 -13.06
N ASP A 373 -6.41 -0.35 -12.43
CA ASP A 373 -6.38 -1.61 -13.14
C ASP A 373 -7.70 -1.87 -13.86
N ILE A 374 -8.81 -1.45 -13.26
CA ILE A 374 -10.11 -1.51 -13.94
C ILE A 374 -10.08 -0.64 -15.19
N LEU A 375 -9.47 0.53 -15.10
CA LEU A 375 -9.37 1.40 -16.26
C LEU A 375 -8.55 0.75 -17.36
N ASP A 376 -7.45 0.09 -16.97
CA ASP A 376 -6.61 -0.62 -17.92
C ASP A 376 -7.40 -1.69 -18.67
N GLU A 377 -8.28 -2.42 -17.97
CA GLU A 377 -9.11 -3.41 -18.64
C GLU A 377 -10.10 -2.74 -19.58
N LEU A 378 -10.74 -1.66 -19.14
CA LEU A 378 -11.74 -0.97 -19.96
C LEU A 378 -11.14 -0.47 -21.26
N LEU A 379 -9.91 0.04 -21.20
CA LEU A 379 -9.26 0.69 -22.32
C LEU A 379 -8.30 -0.23 -23.05
N GLY A 380 -8.23 -1.49 -22.63
CA GLY A 380 -7.26 -2.43 -23.17
C GLY A 380 -7.66 -2.93 -24.55
N GLU A 381 -6.88 -3.91 -25.01
CA GLU A 381 -6.96 -4.42 -26.37
C GLU A 381 -7.38 -5.89 -26.34
N GLU A 382 -8.69 -6.13 -26.40
CA GLU A 382 -9.21 -7.49 -26.39
C GLU A 382 -10.07 -7.77 -27.61
N ARG A 383 -11.00 -8.71 -27.47
CA ARG A 383 -11.86 -9.21 -28.56
C ARG A 383 -12.35 -8.12 -29.52
N ARG B 10 -15.41 -15.57 -21.09
CA ARG B 10 -16.22 -14.37 -20.91
C ARG B 10 -16.04 -13.41 -22.08
N PRO B 11 -17.15 -13.01 -22.71
CA PRO B 11 -17.06 -12.07 -23.84
C PRO B 11 -16.48 -10.73 -23.40
N ARG B 12 -15.49 -10.25 -24.15
CA ARG B 12 -14.81 -9.00 -23.84
C ARG B 12 -15.42 -7.80 -24.55
N LYS B 13 -16.24 -8.02 -25.59
CA LYS B 13 -16.82 -6.95 -26.36
C LYS B 13 -18.34 -7.01 -26.30
N LEU B 14 -18.95 -5.83 -26.33
CA LEU B 14 -20.39 -5.72 -26.21
C LEU B 14 -21.20 -6.58 -27.18
N PRO B 15 -20.84 -6.72 -28.47
CA PRO B 15 -21.67 -7.56 -29.35
C PRO B 15 -21.72 -9.02 -28.92
N GLN B 16 -20.58 -9.58 -28.52
CA GLN B 16 -20.57 -10.96 -28.03
C GLN B 16 -21.33 -11.10 -26.73
N LEU B 17 -21.22 -10.12 -25.82
CA LEU B 17 -22.02 -10.16 -24.61
C LEU B 17 -23.51 -10.12 -24.94
N CYS B 18 -23.89 -9.33 -25.94
CA CYS B 18 -25.27 -9.31 -26.39
C CYS B 18 -25.66 -10.66 -26.99
N THR B 19 -24.80 -11.23 -27.85
CA THR B 19 -25.04 -12.52 -28.49
C THR B 19 -24.88 -13.66 -27.49
N GLU B 20 -24.90 -13.33 -26.20
CA GLU B 20 -24.74 -14.32 -25.14
C GLU B 20 -25.77 -14.16 -24.03
N LEU B 21 -26.33 -12.97 -23.87
CA LEU B 21 -27.51 -12.76 -23.03
C LEU B 21 -28.79 -12.71 -23.86
N GLN B 22 -28.70 -13.07 -25.15
CA GLN B 22 -29.84 -13.07 -26.08
C GLN B 22 -30.58 -11.73 -26.04
N THR B 23 -29.85 -10.69 -26.39
CA THR B 23 -30.39 -9.34 -26.46
C THR B 23 -29.63 -8.59 -27.54
N THR B 24 -29.89 -7.30 -27.69
CA THR B 24 -29.18 -6.44 -28.62
C THR B 24 -28.69 -5.21 -27.88
N ILE B 25 -27.86 -4.43 -28.58
CA ILE B 25 -27.29 -3.22 -28.00
C ILE B 25 -28.39 -2.21 -27.70
N HIS B 26 -29.48 -2.27 -28.46
CA HIS B 26 -30.61 -1.38 -28.24
C HIS B 26 -31.32 -1.69 -26.92
N ASP B 27 -31.25 -2.95 -26.46
CA ASP B 27 -32.03 -3.39 -25.32
C ASP B 27 -31.21 -3.65 -24.06
N ILE B 28 -29.89 -3.89 -24.18
CA ILE B 28 -29.13 -4.43 -23.06
C ILE B 28 -29.10 -3.42 -21.92
N ILE B 29 -29.22 -3.93 -20.70
CA ILE B 29 -29.08 -3.13 -19.49
C ILE B 29 -27.69 -3.34 -18.94
N LEU B 30 -26.91 -2.28 -18.85
CA LEU B 30 -25.54 -2.35 -18.35
C LEU B 30 -25.35 -1.37 -17.20
N GLU B 31 -24.54 -1.78 -16.23
CA GLU B 31 -24.16 -0.95 -15.09
C GLU B 31 -22.68 -0.58 -15.17
N CYS B 32 -22.36 0.59 -14.62
CA CYS B 32 -20.98 1.06 -14.57
C CYS B 32 -20.16 0.24 -13.57
N VAL B 33 -18.97 -0.18 -13.98
CA VAL B 33 -18.11 -0.98 -13.10
C VAL B 33 -17.78 -0.23 -11.82
N TYR B 34 -17.65 1.09 -11.89
CA TYR B 34 -17.22 1.86 -10.73
C TYR B 34 -18.40 2.24 -9.82
N CYS B 35 -19.39 2.96 -10.36
CA CYS B 35 -20.46 3.48 -9.52
C CYS B 35 -21.71 2.61 -9.49
N LYS B 36 -21.80 1.60 -10.34
CA LYS B 36 -22.89 0.63 -10.41
C LYS B 36 -24.20 1.26 -10.86
N GLN B 37 -24.18 2.49 -11.36
CA GLN B 37 -25.36 3.10 -11.92
C GLN B 37 -25.60 2.61 -13.35
N GLN B 38 -26.87 2.56 -13.73
CA GLN B 38 -27.22 2.09 -15.06
C GLN B 38 -26.72 3.06 -16.11
N LEU B 39 -26.15 2.52 -17.19
CA LEU B 39 -25.75 3.37 -18.29
C LEU B 39 -26.97 3.89 -19.02
N LEU B 40 -26.92 5.17 -19.40
CA LEU B 40 -27.86 5.71 -20.37
C LEU B 40 -27.67 5.00 -21.71
N ARG B 41 -28.74 4.95 -22.50
CA ARG B 41 -28.63 4.28 -23.80
C ARG B 41 -27.51 4.91 -24.64
N ARG B 42 -27.39 6.24 -24.58
CA ARG B 42 -26.31 6.94 -25.27
C ARG B 42 -24.95 6.42 -24.81
N GLU B 43 -24.80 6.16 -23.52
CA GLU B 43 -23.54 5.64 -23.00
C GLU B 43 -23.26 4.22 -23.49
N VAL B 44 -24.31 3.42 -23.68
CA VAL B 44 -24.12 2.08 -24.23
C VAL B 44 -23.61 2.17 -25.67
N TYR B 45 -24.25 3.00 -26.49
CA TYR B 45 -23.76 3.17 -27.86
C TYR B 45 -22.32 3.69 -27.86
N ASP B 46 -22.03 4.68 -27.01
CA ASP B 46 -20.68 5.24 -26.97
C ASP B 46 -19.66 4.21 -26.51
N PHE B 47 -20.06 3.33 -25.59
CA PHE B 47 -19.18 2.24 -25.16
C PHE B 47 -18.75 1.38 -26.34
N ALA B 48 -19.70 1.03 -27.21
CA ALA B 48 -19.38 0.17 -28.35
C ALA B 48 -18.56 0.91 -29.40
N ARG B 49 -18.91 2.16 -29.68
CA ARG B 49 -18.19 2.90 -30.72
C ARG B 49 -16.76 3.18 -30.31
N ARG B 50 -16.50 3.40 -29.02
CA ARG B 50 -15.14 3.57 -28.53
C ARG B 50 -14.38 2.26 -28.40
N ASP B 51 -14.99 1.13 -28.75
CA ASP B 51 -14.37 -0.19 -28.67
C ASP B 51 -13.80 -0.44 -27.27
N LEU B 52 -14.59 -0.11 -26.24
CA LEU B 52 -14.20 -0.41 -24.88
C LEU B 52 -14.44 -1.88 -24.58
N CYS B 53 -13.90 -2.34 -23.45
CA CYS B 53 -13.94 -3.74 -23.07
C CYS B 53 -14.86 -3.93 -21.86
N ILE B 54 -15.75 -4.90 -21.98
CA ILE B 54 -16.53 -5.34 -20.83
C ILE B 54 -15.58 -5.84 -19.75
N VAL B 55 -15.84 -5.45 -18.51
CA VAL B 55 -15.06 -5.89 -17.37
C VAL B 55 -15.97 -6.71 -16.47
N TYR B 56 -15.39 -7.75 -15.85
CA TYR B 56 -16.14 -8.66 -14.99
C TYR B 56 -15.69 -8.49 -13.55
N ARG B 57 -16.65 -8.33 -12.65
CA ARG B 57 -16.41 -8.32 -11.21
C ARG B 57 -17.43 -9.24 -10.57
N ASP B 58 -16.93 -10.15 -9.72
CA ASP B 58 -17.77 -11.17 -9.07
C ASP B 58 -18.57 -11.97 -10.09
N GLY B 59 -17.96 -12.20 -11.26
CA GLY B 59 -18.60 -12.98 -12.30
C GLY B 59 -19.70 -12.28 -13.06
N ASN B 60 -19.86 -10.96 -12.89
CA ASN B 60 -20.91 -10.20 -13.59
C ASN B 60 -20.29 -9.21 -14.56
N PRO B 61 -20.89 -9.00 -15.74
CA PRO B 61 -20.35 -8.00 -16.67
C PRO B 61 -20.73 -6.58 -16.30
N TYR B 62 -19.80 -5.65 -16.55
CA TYR B 62 -20.02 -4.23 -16.33
C TYR B 62 -19.44 -3.45 -17.50
N ALA B 63 -20.01 -2.27 -17.74
CA ALA B 63 -19.41 -1.30 -18.65
C ALA B 63 -18.89 -0.13 -17.84
N VAL B 64 -19.02 1.10 -18.34
CA VAL B 64 -18.60 2.28 -17.60
C VAL B 64 -19.44 3.46 -18.06
N CYS B 65 -19.80 4.33 -17.12
CA CYS B 65 -20.52 5.55 -17.47
C CYS B 65 -19.53 6.68 -17.80
N ASP B 66 -20.05 7.73 -18.44
CA ASP B 66 -19.19 8.83 -18.90
C ASP B 66 -18.51 9.52 -17.72
N LYS B 67 -19.25 9.74 -16.63
CA LYS B 67 -18.69 10.48 -15.52
C LYS B 67 -17.51 9.74 -14.91
N CYS B 68 -17.67 8.44 -14.67
CA CYS B 68 -16.58 7.68 -14.08
C CYS B 68 -15.42 7.53 -15.06
N LEU B 69 -15.71 7.31 -16.35
CA LEU B 69 -14.64 7.17 -17.32
C LEU B 69 -13.81 8.46 -17.38
N LYS B 70 -14.46 9.61 -17.39
CA LYS B 70 -13.73 10.88 -17.37
C LYS B 70 -13.02 11.09 -16.05
N PHE B 71 -13.68 10.74 -14.94
CA PHE B 71 -13.08 10.92 -13.62
C PHE B 71 -11.79 10.12 -13.48
N TYR B 72 -11.86 8.81 -13.72
CA TYR B 72 -10.67 7.98 -13.53
C TYR B 72 -9.65 8.18 -14.65
N SER B 73 -10.10 8.58 -15.85
CA SER B 73 -9.14 8.92 -16.90
C SER B 73 -8.27 10.09 -16.49
N LYS B 74 -8.90 11.16 -15.97
CA LYS B 74 -8.14 12.33 -15.56
C LYS B 74 -7.17 11.99 -14.42
N ILE B 75 -7.62 11.20 -13.45
CA ILE B 75 -6.73 10.73 -12.39
C ILE B 75 -5.53 10.03 -12.99
N SER B 76 -5.77 9.06 -13.87
CA SER B 76 -4.70 8.25 -14.42
C SER B 76 -3.72 9.07 -15.25
N GLU B 77 -4.19 10.16 -15.85
CA GLU B 77 -3.30 11.02 -16.62
C GLU B 77 -2.47 11.91 -15.70
N TYR B 78 -3.11 12.50 -14.70
CA TYR B 78 -2.45 13.40 -13.77
C TYR B 78 -1.54 12.64 -12.80
N ARG B 79 -1.89 11.41 -12.46
CA ARG B 79 -1.19 10.64 -11.45
C ARG B 79 -0.28 9.55 -12.03
N HIS B 80 -0.18 9.45 -13.36
CA HIS B 80 0.71 8.51 -14.01
C HIS B 80 1.34 9.14 -15.24
N TYR B 81 1.72 10.41 -15.13
CA TYR B 81 2.36 11.12 -16.22
C TYR B 81 3.61 10.37 -16.68
N SER B 82 3.92 10.49 -17.97
CA SER B 82 5.11 9.85 -18.51
C SER B 82 5.58 10.49 -19.81
N TYR B 83 6.01 9.67 -20.76
CA TYR B 83 6.81 10.10 -21.90
C TYR B 83 6.05 9.97 -23.21
N SER B 84 6.71 10.41 -24.27
CA SER B 84 6.10 10.52 -25.59
C SER B 84 7.09 10.05 -26.66
N LEU B 85 6.55 9.58 -27.77
CA LEU B 85 7.34 9.05 -28.88
C LEU B 85 6.68 9.40 -30.19
N TYR B 86 7.49 9.60 -31.23
CA TYR B 86 6.96 9.71 -32.58
C TYR B 86 6.51 8.35 -33.09
N GLY B 87 5.59 8.38 -34.07
CA GLY B 87 4.98 7.15 -34.54
C GLY B 87 5.98 6.14 -35.09
N THR B 88 6.98 6.62 -35.82
CA THR B 88 7.97 5.71 -36.40
C THR B 88 8.69 4.92 -35.30
N THR B 89 8.97 5.55 -34.16
CA THR B 89 9.58 4.82 -33.06
C THR B 89 8.61 3.80 -32.48
N LEU B 90 7.33 4.17 -32.33
CA LEU B 90 6.33 3.19 -31.92
C LEU B 90 6.28 2.03 -32.91
N GLU B 91 6.36 2.33 -34.20
CA GLU B 91 6.40 1.27 -35.20
C GLU B 91 7.61 0.36 -34.98
N GLN B 92 8.80 0.95 -34.83
CA GLN B 92 10.00 0.17 -34.56
C GLN B 92 9.85 -0.66 -33.29
N GLN B 93 9.28 -0.06 -32.24
CA GLN B 93 9.24 -0.72 -30.93
C GLN B 93 8.34 -1.95 -30.95
N TYR B 94 7.21 -1.88 -31.65
CA TYR B 94 6.28 -3.00 -31.74
C TYR B 94 6.40 -3.76 -33.06
N ASN B 95 7.17 -3.25 -34.02
CA ASN B 95 7.42 -3.84 -35.34
C ASN B 95 6.18 -3.74 -36.25
N LYS B 96 5.00 -3.58 -35.66
CA LYS B 96 3.77 -3.50 -36.44
C LYS B 96 3.58 -2.08 -37.00
N PRO B 97 2.75 -1.92 -38.03
CA PRO B 97 2.42 -0.58 -38.51
C PRO B 97 1.50 0.12 -37.52
N LEU B 98 1.45 1.46 -37.63
CA LEU B 98 0.59 2.25 -36.75
C LEU B 98 -0.87 1.80 -36.85
N SER B 99 -1.32 1.45 -38.05
CA SER B 99 -2.69 1.01 -38.24
C SER B 99 -3.01 -0.26 -37.45
N ASP B 100 -2.00 -1.06 -37.11
CA ASP B 100 -2.18 -2.29 -36.36
C ASP B 100 -2.12 -2.10 -34.85
N LEU B 101 -1.76 -0.91 -34.38
CA LEU B 101 -1.64 -0.64 -32.97
C LEU B 101 -2.89 0.07 -32.46
N LEU B 102 -3.31 -0.29 -31.26
CA LEU B 102 -4.38 0.44 -30.59
C LEU B 102 -3.81 1.72 -29.99
N ILE B 103 -4.30 2.86 -30.48
CA ILE B 103 -3.95 4.17 -29.96
C ILE B 103 -5.25 4.94 -29.80
N ARG B 104 -5.57 5.32 -28.57
CA ARG B 104 -6.85 5.98 -28.31
C ARG B 104 -6.70 7.49 -28.24
N CYS B 105 -7.80 8.18 -28.50
CA CYS B 105 -7.88 9.61 -28.24
C CYS B 105 -7.77 9.85 -26.74
N ILE B 106 -6.88 10.77 -26.35
CA ILE B 106 -6.73 11.11 -24.94
C ILE B 106 -8.02 11.70 -24.38
N ASN B 107 -8.83 12.35 -25.22
CA ASN B 107 -9.99 13.05 -24.70
C ASN B 107 -11.27 12.21 -24.71
N CYS B 108 -11.55 11.51 -25.82
CA CYS B 108 -12.78 10.76 -25.94
C CYS B 108 -12.61 9.25 -25.84
N GLN B 109 -11.37 8.76 -25.73
CA GLN B 109 -11.00 7.35 -25.60
C GLN B 109 -11.32 6.53 -26.84
N LYS B 110 -11.78 7.16 -27.91
CA LYS B 110 -12.04 6.43 -29.15
C LYS B 110 -10.72 5.97 -29.78
N PRO B 111 -10.66 4.78 -30.36
CA PRO B 111 -9.46 4.39 -31.12
C PRO B 111 -9.24 5.36 -32.27
N LEU B 112 -7.98 5.77 -32.44
CA LEU B 112 -7.63 6.60 -33.58
C LEU B 112 -7.79 5.82 -34.89
N SER B 113 -8.27 6.50 -35.93
CA SER B 113 -8.38 5.89 -37.23
C SER B 113 -7.00 5.76 -37.89
N PRO B 114 -6.86 4.91 -38.91
CA PRO B 114 -5.60 4.88 -39.66
C PRO B 114 -5.22 6.23 -40.23
N GLU B 115 -6.21 7.02 -40.69
CA GLU B 115 -5.94 8.36 -41.19
C GLU B 115 -5.41 9.26 -40.08
N GLU B 116 -6.06 9.23 -38.91
CA GLU B 116 -5.64 10.09 -37.80
C GLU B 116 -4.24 9.73 -37.34
N LYS B 117 -3.88 8.45 -37.37
CA LYS B 117 -2.53 8.05 -37.00
C LYS B 117 -1.52 8.47 -38.07
N GLN B 118 -1.86 8.25 -39.35
CA GLN B 118 -0.98 8.73 -40.42
C GLN B 118 -0.87 10.24 -40.41
N ARG B 119 -1.90 10.93 -39.93
CA ARG B 119 -1.83 12.39 -39.79
C ARG B 119 -0.83 12.79 -38.70
N HIS B 120 -0.86 12.11 -37.56
CA HIS B 120 0.12 12.34 -36.51
C HIS B 120 1.55 12.23 -37.06
N LEU B 121 1.81 11.19 -37.84
CA LEU B 121 3.14 11.00 -38.42
C LEU B 121 3.56 12.19 -39.27
N ASP B 122 2.66 12.67 -40.14
CA ASP B 122 2.99 13.74 -41.06
C ASP B 122 3.28 15.04 -40.33
N LYS B 123 2.41 15.43 -39.39
CA LYS B 123 2.58 16.67 -38.66
C LYS B 123 3.69 16.60 -37.60
N LYS B 124 4.52 15.55 -37.63
CA LYS B 124 5.59 15.37 -36.64
C LYS B 124 5.06 15.51 -35.22
N GLN B 125 3.89 14.92 -34.96
CA GLN B 125 3.28 14.94 -33.64
C GLN B 125 3.52 13.62 -32.93
N ARG B 126 3.86 13.71 -31.65
CA ARG B 126 4.18 12.53 -30.86
C ARG B 126 2.91 11.95 -30.23
N PHE B 127 2.95 10.64 -29.98
CA PHE B 127 1.96 9.98 -29.16
C PHE B 127 2.44 9.94 -27.72
N HIS B 128 1.49 9.82 -26.79
CA HIS B 128 1.77 9.99 -25.37
C HIS B 128 1.43 8.71 -24.62
N ASN B 129 2.33 8.31 -23.72
CA ASN B 129 2.16 7.07 -22.95
C ASN B 129 1.60 7.40 -21.58
N ILE B 130 0.56 6.68 -21.18
CA ILE B 130 -0.03 6.81 -19.85
C ILE B 130 -0.28 5.41 -19.32
N ARG B 131 0.53 4.97 -18.36
CA ARG B 131 0.39 3.66 -17.72
C ARG B 131 0.42 2.54 -18.77
N GLY B 132 1.30 2.68 -19.75
CA GLY B 132 1.44 1.70 -20.78
C GLY B 132 0.46 1.82 -21.93
N ARG B 133 -0.46 2.78 -21.88
CA ARG B 133 -1.42 3.02 -22.96
C ARG B 133 -0.93 4.18 -23.81
N TRP B 134 -0.97 4.01 -25.13
CA TRP B 134 -0.58 5.07 -26.06
C TRP B 134 -1.79 5.86 -26.52
N THR B 135 -1.66 7.18 -26.55
CA THR B 135 -2.76 8.07 -26.89
C THR B 135 -2.33 9.14 -27.89
N GLY B 136 -3.31 9.62 -28.66
CA GLY B 136 -3.25 10.79 -29.51
C GLY B 136 -4.48 11.65 -29.30
N ARG B 137 -4.93 12.30 -30.37
CA ARG B 137 -6.17 13.07 -30.34
C ARG B 137 -6.89 12.94 -31.68
N CYS B 138 -8.15 12.51 -31.63
CA CYS B 138 -8.89 12.25 -32.86
C CYS B 138 -9.31 13.55 -33.54
N MET B 139 -9.66 13.43 -34.83
CA MET B 139 -10.02 14.62 -35.62
C MET B 139 -11.22 15.34 -35.01
N SER B 140 -12.18 14.58 -34.47
CA SER B 140 -13.38 15.19 -33.92
C SER B 140 -13.04 16.05 -32.71
N CYS B 141 -12.21 15.54 -31.80
CA CYS B 141 -11.80 16.33 -30.65
C CYS B 141 -10.80 17.42 -31.01
N SER B 142 -10.29 17.42 -32.25
CA SER B 142 -9.40 18.46 -32.73
C SER B 142 -10.13 19.54 -33.51
N ARG B 143 -11.47 19.53 -33.48
CA ARG B 143 -12.33 20.44 -34.22
C ARG B 143 -13.58 20.72 -33.37
N SER B 144 -13.38 21.45 -32.28
CA SER B 144 -14.48 21.70 -31.34
C SER B 144 -14.33 23.08 -30.72
N SER B 145 -15.47 23.68 -30.38
CA SER B 145 -15.51 24.98 -29.74
C SER B 145 -14.78 24.96 -28.39
C1 GLC C . 4.00 2.26 11.62
C2 GLC C . 4.42 1.05 10.75
C3 GLC C . 3.97 1.20 9.32
C4 GLC C . 2.50 1.43 9.23
C5 GLC C . 2.06 2.60 10.13
C6 GLC C . 0.56 2.74 10.16
O1 GLC C . 4.64 3.41 11.19
O2 GLC C . 5.85 0.98 10.85
O3 GLC C . 4.30 -0.01 8.58
O4 GLC C . 2.15 1.77 7.85
O5 GLC C . 2.55 2.46 11.54
O6 GLC C . 0.16 4.04 10.67
C1 GLC C . 1.55 0.72 7.09
C2 GLC C . 2.06 0.75 5.70
C3 GLC C . 1.80 2.09 5.10
C4 GLC C . 0.33 2.33 5.02
C5 GLC C . -0.34 2.25 6.41
C6 GLC C . -1.78 2.23 6.31
O2 GLC C . 3.50 0.51 5.75
O3 GLC C . 2.44 2.22 3.78
O4 GLC C . 0.18 3.73 4.54
O5 GLC C . 0.12 0.95 7.11
O6 GLC C . -2.37 2.48 7.58
C1 GLC C . -0.50 3.84 3.30
C2 GLC C . 0.16 4.88 2.49
C3 GLC C . 0.19 6.19 3.18
C4 GLC C . -1.15 6.70 3.63
C5 GLC C . -1.95 5.60 4.39
C6 GLC C . -3.32 5.96 4.49
O2 GLC C . 1.53 4.39 2.23
O3 GLC C . 0.80 7.20 2.29
O4 GLC C . -1.00 7.83 4.57
O5 GLC C . -1.87 4.29 3.58
O6 GLC C . -4.00 5.12 5.41
C1 GLC C . -1.05 9.11 3.98
C2 GLC C . -0.50 10.10 4.88
C3 GLC C . -1.38 10.45 6.02
C4 GLC C . -2.78 10.82 5.61
C5 GLC C . -3.39 9.68 4.82
C6 GLC C . -4.68 10.03 4.28
O2 GLC C . 0.81 9.59 5.39
O3 GLC C . -0.75 11.54 6.72
O4 GLC C . -3.65 11.09 6.80
O5 GLC C . -2.46 9.41 3.61
O6 GLC C . -4.52 11.08 3.39
C1 GLC C . -3.64 12.46 7.26
C2 GLC C . -4.60 12.62 8.37
C3 GLC C . -5.98 12.43 7.94
C4 GLC C . -6.36 13.40 6.89
C5 GLC C . -5.41 13.27 5.67
C6 GLC C . -5.66 14.29 4.73
O2 GLC C . -4.27 11.66 9.44
O3 GLC C . -6.90 12.52 9.10
O4 GLC C . -7.72 13.17 6.43
O5 GLC C . -3.95 13.40 6.17
O6 GLC C . -4.50 14.50 3.95
ZN ZN D . -11.48 12.21 -29.52
ZN ZN E . -19.98 5.32 -13.16
#